data_2EWM
#
_entry.id   2EWM
#
_cell.length_a   58.400
_cell.length_b   58.400
_cell.length_c   236.200
_cell.angle_alpha   90.00
_cell.angle_beta   90.00
_cell.angle_gamma   90.00
#
_symmetry.space_group_name_H-M   'P 43 21 2'
#
loop_
_entity.id
_entity.type
_entity.pdbx_description
1 polymer '(S)-1-Phenylethanol dehydrogenase'
2 non-polymer 'SULFATE ION'
3 non-polymer NICOTINAMIDE-ADENINE-DINUCLEOTIDE
4 water water
#
_entity_poly.entity_id   1
_entity_poly.type   'polypeptide(L)'
_entity_poly.pdbx_seq_one_letter_code
;MTQRLKDKLAVITGGANGIGRAIAERFAVEGADIAIADLVPAPEAEAAIRNLGRRVLTVKCDVSQPGDVEAFGKQVISTF
GRCDILVNNAGIYPLIPFDELTFEQWKKTFEINVDSGFLMAKAFVPGMKRNGWGRIINLTSTTYWLKIEAYTHYISTKAA
NIGFTRALASDLGKDGITVNAIAPSLVRTATTEASALSAMFDVLPNMLQAIPRLQVPLDLTGAAAFLASDDASFITGQTL
AVDGGMVRH
;
_entity_poly.pdbx_strand_id   A,B
#
# COMPACT_ATOMS: atom_id res chain seq x y z
N THR A 2 -6.81 15.27 -9.55
CA THR A 2 -8.04 14.80 -8.88
C THR A 2 -7.94 14.93 -7.36
N GLN A 3 -8.86 15.70 -6.77
CA GLN A 3 -8.88 15.91 -5.33
C GLN A 3 -9.68 14.80 -4.65
N ARG A 4 -8.96 13.80 -4.15
CA ARG A 4 -9.57 12.64 -3.52
C ARG A 4 -10.00 12.86 -2.07
N LEU A 5 -9.60 13.99 -1.48
CA LEU A 5 -9.97 14.27 -0.09
C LEU A 5 -10.84 15.52 0.05
N LYS A 6 -11.44 15.95 -1.05
CA LYS A 6 -12.29 17.12 -1.04
C LYS A 6 -13.41 17.01 0.01
N ASP A 7 -13.59 18.06 0.79
CA ASP A 7 -14.62 18.10 1.84
C ASP A 7 -14.35 17.19 3.02
N LYS A 8 -13.14 16.63 3.09
CA LYS A 8 -12.78 15.78 4.23
C LYS A 8 -12.08 16.68 5.23
N LEU A 9 -12.22 16.36 6.51
CA LEU A 9 -11.55 17.11 7.55
C LEU A 9 -10.49 16.17 8.10
N ALA A 10 -9.23 16.58 8.04
CA ALA A 10 -8.12 15.77 8.52
C ALA A 10 -7.41 16.38 9.71
N VAL A 11 -7.21 15.57 10.75
CA VAL A 11 -6.51 16.01 11.93
C VAL A 11 -5.12 15.43 11.87
N ILE A 12 -4.12 16.25 12.13
CA ILE A 12 -2.74 15.79 12.08
C ILE A 12 -1.94 16.26 13.29
N THR A 13 -1.62 15.33 14.19
CA THR A 13 -0.84 15.66 15.38
C THR A 13 0.62 15.80 14.98
N GLY A 14 1.29 16.77 15.59
CA GLY A 14 2.70 17.01 15.27
C GLY A 14 2.83 17.57 13.87
N GLY A 15 1.76 18.24 13.40
CA GLY A 15 1.77 18.79 12.06
C GLY A 15 2.52 20.11 11.85
N ALA A 16 3.21 20.60 12.86
CA ALA A 16 3.94 21.85 12.73
C ALA A 16 5.24 21.72 11.94
N ASN A 17 5.85 20.53 11.95
CA ASN A 17 7.08 20.32 11.21
C ASN A 17 7.26 18.93 10.64
N GLY A 18 8.37 18.75 9.91
CA GLY A 18 8.71 17.47 9.32
C GLY A 18 7.62 16.75 8.54
N ILE A 19 7.50 15.46 8.81
CA ILE A 19 6.53 14.61 8.15
C ILE A 19 5.09 15.07 8.38
N GLY A 20 4.77 15.49 9.60
CA GLY A 20 3.43 15.97 9.88
C GLY A 20 3.03 17.10 8.96
N ARG A 21 3.88 18.11 8.84
CA ARG A 21 3.60 19.24 7.97
C ARG A 21 3.42 18.79 6.52
N ALA A 22 4.40 18.05 5.99
CA ALA A 22 4.32 17.57 4.62
C ALA A 22 2.99 16.89 4.34
N ILE A 23 2.56 16.02 5.26
CA ILE A 23 1.29 15.33 5.09
C ILE A 23 0.12 16.30 5.13
N ALA A 24 0.12 17.20 6.13
CA ALA A 24 -0.95 18.18 6.24
C ALA A 24 -1.11 18.97 4.94
N GLU A 25 0.02 19.39 4.36
CA GLU A 25 -0.01 20.15 3.12
C GLU A 25 -0.45 19.30 1.94
N ARG A 26 0.04 18.07 1.86
CA ARG A 26 -0.35 17.19 0.77
C ARG A 26 -1.85 16.95 0.82
N PHE A 27 -2.39 16.85 2.03
CA PHE A 27 -3.83 16.63 2.18
C PHE A 27 -4.63 17.83 1.71
N ALA A 28 -4.12 19.03 1.97
CA ALA A 28 -4.79 20.26 1.56
C ALA A 28 -4.82 20.33 0.03
N VAL A 29 -3.73 19.91 -0.60
CA VAL A 29 -3.63 19.90 -2.05
C VAL A 29 -4.71 18.96 -2.57
N GLU A 30 -4.96 17.90 -1.82
CA GLU A 30 -5.95 16.89 -2.18
C GLU A 30 -7.37 17.39 -1.94
N GLY A 31 -7.51 18.57 -1.33
CA GLY A 31 -8.83 19.13 -1.09
C GLY A 31 -9.42 19.02 0.31
N ALA A 32 -8.62 18.59 1.28
CA ALA A 32 -9.11 18.44 2.63
C ALA A 32 -8.82 19.67 3.50
N ASP A 33 -9.59 19.84 4.57
CA ASP A 33 -9.38 20.94 5.50
C ASP A 33 -8.49 20.36 6.59
N ILE A 34 -7.71 21.21 7.25
CA ILE A 34 -6.79 20.72 8.27
C ILE A 34 -6.98 21.27 9.68
N ALA A 35 -6.71 20.41 10.64
CA ALA A 35 -6.79 20.75 12.06
C ALA A 35 -5.49 20.21 12.64
N ILE A 36 -4.59 21.11 13.01
CA ILE A 36 -3.30 20.70 13.56
C ILE A 36 -3.21 20.81 15.07
N ALA A 37 -2.58 19.81 15.69
CA ALA A 37 -2.37 19.77 17.12
C ALA A 37 -0.88 19.67 17.30
N ASP A 38 -0.29 20.61 18.04
CA ASP A 38 1.15 20.60 18.24
C ASP A 38 1.56 21.45 19.44
N LEU A 39 2.72 21.16 20.01
CA LEU A 39 3.22 21.91 21.17
C LEU A 39 3.56 23.34 20.84
N VAL A 40 4.08 23.54 19.64
CA VAL A 40 4.49 24.87 19.18
C VAL A 40 3.60 25.35 18.05
N PRO A 41 3.58 26.68 17.81
CA PRO A 41 2.77 27.27 16.74
C PRO A 41 3.14 26.70 15.38
N ALA A 42 2.21 26.76 14.45
CA ALA A 42 2.43 26.23 13.11
C ALA A 42 2.28 27.32 12.04
N PRO A 43 3.04 28.42 12.18
CA PRO A 43 2.99 29.53 11.23
C PRO A 43 3.14 29.11 9.78
N GLU A 44 4.23 28.40 9.48
CA GLU A 44 4.49 27.96 8.11
C GLU A 44 3.37 27.09 7.55
N ALA A 45 2.85 26.18 8.38
CA ALA A 45 1.79 25.28 7.97
C ALA A 45 0.51 26.03 7.59
N GLU A 46 -0.07 26.75 8.53
CA GLU A 46 -1.28 27.51 8.27
C GLU A 46 -1.15 28.29 6.98
N ALA A 47 -0.09 29.10 6.90
CA ALA A 47 0.16 29.91 5.71
C ALA A 47 0.10 29.05 4.46
N ALA A 48 0.86 27.96 4.47
CA ALA A 48 0.90 27.05 3.32
C ALA A 48 -0.47 26.51 2.96
N ILE A 49 -1.26 26.17 3.98
CA ILE A 49 -2.60 25.63 3.75
C ILE A 49 -3.60 26.68 3.27
N ARG A 50 -3.46 27.92 3.74
CA ARG A 50 -4.38 28.99 3.32
C ARG A 50 -4.27 29.20 1.81
N ASN A 51 -3.03 29.39 1.36
CA ASN A 51 -2.73 29.64 -0.05
C ASN A 51 -3.30 28.59 -1.00
N LEU A 52 -3.73 27.46 -0.46
CA LEU A 52 -4.30 26.41 -1.29
C LEU A 52 -5.81 26.56 -1.40
N GLY A 53 -6.37 27.41 -0.54
CA GLY A 53 -7.79 27.65 -0.55
C GLY A 53 -8.56 26.76 0.42
N ARG A 54 -7.87 26.18 1.40
CA ARG A 54 -8.48 25.29 2.38
C ARG A 54 -8.53 25.93 3.79
N ARG A 55 -9.42 25.40 4.63
CA ARG A 55 -9.55 25.89 6.00
C ARG A 55 -8.48 25.22 6.87
N VAL A 56 -7.99 25.94 7.88
CA VAL A 56 -6.97 25.39 8.75
C VAL A 56 -7.09 25.87 10.19
N LEU A 57 -6.94 24.93 11.13
CA LEU A 57 -7.00 25.24 12.54
C LEU A 57 -5.75 24.68 13.20
N THR A 58 -5.07 25.50 13.98
CA THR A 58 -3.85 25.11 14.67
C THR A 58 -4.04 25.36 16.16
N VAL A 59 -3.64 24.40 16.98
CA VAL A 59 -3.79 24.53 18.43
C VAL A 59 -2.60 24.02 19.22
N LYS A 60 -2.11 24.83 20.15
CA LYS A 60 -0.99 24.41 20.99
C LYS A 60 -1.60 23.38 21.92
N CYS A 61 -1.22 22.13 21.74
CA CYS A 61 -1.78 21.05 22.54
C CYS A 61 -0.75 19.95 22.77
N ASP A 62 -0.68 19.47 24.00
CA ASP A 62 0.23 18.37 24.34
C ASP A 62 -0.60 17.11 24.16
N VAL A 63 -0.46 16.45 23.02
CA VAL A 63 -1.23 15.25 22.71
C VAL A 63 -1.07 14.07 23.67
N SER A 64 -0.26 14.24 24.71
CA SER A 64 -0.06 13.15 25.67
C SER A 64 -0.94 13.36 26.89
N GLN A 65 -1.60 14.51 26.95
CA GLN A 65 -2.47 14.84 28.08
C GLN A 65 -3.94 14.70 27.74
N PRO A 66 -4.63 13.80 28.44
CA PRO A 66 -6.06 13.58 28.21
C PRO A 66 -6.83 14.89 28.12
N GLY A 67 -6.61 15.78 29.09
CA GLY A 67 -7.30 17.05 29.10
C GLY A 67 -7.15 17.82 27.80
N ASP A 68 -5.92 17.97 27.34
CA ASP A 68 -5.63 18.69 26.10
C ASP A 68 -6.34 18.05 24.91
N VAL A 69 -6.21 16.74 24.78
CA VAL A 69 -6.82 16.05 23.66
C VAL A 69 -8.34 16.17 23.68
N GLU A 70 -8.95 16.04 24.84
CA GLU A 70 -10.40 16.15 24.95
C GLU A 70 -10.83 17.55 24.51
N ALA A 71 -10.09 18.56 24.95
CA ALA A 71 -10.37 19.95 24.59
C ALA A 71 -10.20 20.12 23.09
N PHE A 72 -9.08 19.65 22.58
CA PHE A 72 -8.79 19.73 21.15
C PHE A 72 -9.91 19.04 20.36
N GLY A 73 -10.36 17.89 20.86
CA GLY A 73 -11.42 17.16 20.19
C GLY A 73 -12.67 18.01 20.02
N LYS A 74 -13.09 18.65 21.11
CA LYS A 74 -14.27 19.51 21.09
C LYS A 74 -14.06 20.69 20.16
N GLN A 75 -12.97 21.41 20.36
CA GLN A 75 -12.70 22.57 19.52
C GLN A 75 -12.71 22.21 18.04
N VAL A 76 -12.34 20.98 17.72
CA VAL A 76 -12.34 20.52 16.33
C VAL A 76 -13.76 20.25 15.84
N ILE A 77 -14.59 19.65 16.69
CA ILE A 77 -15.96 19.36 16.28
C ILE A 77 -16.80 20.62 16.19
N SER A 78 -16.52 21.60 17.05
CA SER A 78 -17.28 22.86 17.00
C SER A 78 -16.91 23.61 15.74
N THR A 79 -15.62 23.65 15.46
CA THR A 79 -15.08 24.36 14.31
C THR A 79 -15.44 23.75 12.95
N PHE A 80 -15.26 22.44 12.80
CA PHE A 80 -15.57 21.78 11.52
C PHE A 80 -16.74 20.83 11.60
N GLY A 81 -17.13 20.48 12.82
CA GLY A 81 -18.25 19.57 13.00
C GLY A 81 -17.91 18.12 12.69
N ARG A 82 -16.64 17.83 12.44
CA ARG A 82 -16.25 16.46 12.12
C ARG A 82 -14.77 16.27 11.83
N CYS A 83 -14.34 15.01 11.92
CA CYS A 83 -12.98 14.60 11.61
C CYS A 83 -13.15 13.30 10.85
N ASP A 84 -12.77 13.30 9.59
CA ASP A 84 -12.90 12.12 8.76
C ASP A 84 -11.58 11.34 8.74
N ILE A 85 -10.49 12.08 8.91
CA ILE A 85 -9.16 11.49 8.87
C ILE A 85 -8.30 11.90 10.06
N LEU A 86 -7.73 10.91 10.74
CA LEU A 86 -6.86 11.15 11.87
C LEU A 86 -5.46 10.60 11.54
N VAL A 87 -4.47 11.46 11.61
CA VAL A 87 -3.09 11.04 11.35
C VAL A 87 -2.28 11.21 12.62
N ASN A 88 -1.94 10.10 13.26
CA ASN A 88 -1.15 10.13 14.48
C ASN A 88 0.34 10.19 14.13
N ASN A 89 0.84 11.41 14.05
CA ASN A 89 2.21 11.68 13.68
C ASN A 89 3.13 12.16 14.81
N ALA A 90 2.56 12.64 15.90
CA ALA A 90 3.35 13.12 17.02
C ALA A 90 4.20 11.99 17.60
N GLY A 91 5.46 12.31 17.92
CA GLY A 91 6.35 11.32 18.49
C GLY A 91 7.77 11.86 18.68
N ILE A 92 8.48 11.32 19.66
CA ILE A 92 9.86 11.72 19.92
C ILE A 92 10.79 10.52 19.80
N TYR A 93 12.04 10.78 19.43
CA TYR A 93 13.01 9.70 19.26
C TYR A 93 14.43 10.03 19.72
N PRO A 94 14.58 10.40 20.99
CA PRO A 94 15.92 10.73 21.50
C PRO A 94 16.74 9.45 21.73
N LEU A 95 17.99 9.43 21.28
CA LEU A 95 18.84 8.26 21.48
C LEU A 95 19.24 8.21 22.94
N ILE A 96 18.99 7.08 23.59
CA ILE A 96 19.34 6.93 25.00
C ILE A 96 19.81 5.51 25.33
N PRO A 97 21.09 5.36 25.69
CA PRO A 97 21.64 4.05 26.04
C PRO A 97 20.82 3.44 27.17
N PHE A 98 20.62 2.13 27.12
CA PHE A 98 19.81 1.47 28.14
C PHE A 98 20.22 1.75 29.59
N ASP A 99 21.52 1.79 29.87
CA ASP A 99 21.96 2.05 31.24
C ASP A 99 21.58 3.45 31.72
N GLU A 100 21.32 4.35 30.79
CA GLU A 100 20.93 5.70 31.14
C GLU A 100 19.43 5.92 31.10
N LEU A 101 18.71 4.98 30.50
CA LEU A 101 17.25 5.07 30.38
C LEU A 101 16.56 4.91 31.73
N THR A 102 15.91 5.98 32.18
CA THR A 102 15.21 5.97 33.46
C THR A 102 13.74 5.60 33.25
N PHE A 103 13.08 5.18 34.32
CA PHE A 103 11.66 4.82 34.22
C PHE A 103 10.86 6.06 33.79
N GLU A 104 11.33 7.24 34.17
CA GLU A 104 10.64 8.46 33.82
C GLU A 104 10.70 8.72 32.31
N GLN A 105 11.89 8.54 31.74
CA GLN A 105 12.08 8.73 30.31
C GLN A 105 11.27 7.71 29.52
N TRP A 106 11.29 6.46 30.00
CA TRP A 106 10.58 5.37 29.38
C TRP A 106 9.07 5.64 29.36
N LYS A 107 8.54 6.05 30.51
CA LYS A 107 7.11 6.35 30.62
C LYS A 107 6.77 7.56 29.77
N LYS A 108 7.67 8.53 29.75
CA LYS A 108 7.44 9.74 28.98
C LYS A 108 7.35 9.44 27.49
N THR A 109 8.18 8.54 27.00
CA THR A 109 8.17 8.20 25.59
C THR A 109 6.88 7.51 25.17
N PHE A 110 6.28 6.75 26.08
CA PHE A 110 5.02 6.06 25.79
C PHE A 110 3.84 7.02 25.79
N GLU A 111 3.86 7.98 26.71
CA GLU A 111 2.77 8.94 26.80
C GLU A 111 2.63 9.77 25.55
N ILE A 112 3.76 10.14 24.96
CA ILE A 112 3.75 10.94 23.75
C ILE A 112 3.56 10.12 22.47
N ASN A 113 4.31 9.02 22.36
CA ASN A 113 4.26 8.20 21.16
C ASN A 113 3.07 7.24 21.07
N VAL A 114 2.61 6.71 22.20
CA VAL A 114 1.53 5.74 22.19
C VAL A 114 0.18 6.20 22.72
N ASP A 115 0.18 6.84 23.89
CA ASP A 115 -1.07 7.33 24.51
C ASP A 115 -1.84 8.28 23.62
N SER A 116 -1.12 9.20 23.00
CA SER A 116 -1.70 10.19 22.10
C SER A 116 -2.62 9.56 21.08
N GLY A 117 -2.14 8.52 20.41
CA GLY A 117 -2.94 7.85 19.39
C GLY A 117 -4.25 7.32 19.93
N PHE A 118 -4.22 6.84 21.17
CA PHE A 118 -5.41 6.30 21.82
C PHE A 118 -6.38 7.42 22.15
N LEU A 119 -5.91 8.42 22.89
CA LEU A 119 -6.73 9.57 23.28
C LEU A 119 -7.39 10.24 22.08
N MET A 120 -6.62 10.42 21.01
CA MET A 120 -7.14 11.03 19.78
C MET A 120 -8.20 10.13 19.15
N ALA A 121 -7.95 8.83 19.15
CA ALA A 121 -8.89 7.89 18.57
C ALA A 121 -10.21 7.93 19.34
N LYS A 122 -10.12 7.97 20.66
CA LYS A 122 -11.32 8.03 21.52
C LYS A 122 -12.14 9.29 21.24
N ALA A 123 -11.46 10.37 20.87
CA ALA A 123 -12.12 11.63 20.60
C ALA A 123 -12.77 11.71 19.23
N PHE A 124 -12.17 11.08 18.23
CA PHE A 124 -12.73 11.18 16.89
C PHE A 124 -13.42 9.97 16.28
N VAL A 125 -13.20 8.79 16.84
CA VAL A 125 -13.83 7.60 16.29
C VAL A 125 -15.36 7.68 16.38
N PRO A 126 -15.90 8.24 17.49
CA PRO A 126 -17.35 8.34 17.63
C PRO A 126 -18.00 9.02 16.42
N GLY A 127 -17.40 10.13 15.98
CA GLY A 127 -17.92 10.84 14.83
C GLY A 127 -17.80 10.02 13.55
N MET A 128 -16.63 9.39 13.37
CA MET A 128 -16.42 8.58 12.18
C MET A 128 -17.48 7.48 12.09
N LYS A 129 -17.82 6.88 13.22
CA LYS A 129 -18.83 5.82 13.24
C LYS A 129 -20.23 6.32 12.86
N ARG A 130 -20.57 7.52 13.33
CA ARG A 130 -21.87 8.10 13.00
C ARG A 130 -21.99 8.31 11.49
N ASN A 131 -20.91 8.81 10.88
CA ASN A 131 -20.87 9.06 9.45
C ASN A 131 -20.58 7.81 8.65
N GLY A 132 -20.27 6.72 9.33
CA GLY A 132 -20.00 5.47 8.65
C GLY A 132 -18.75 5.48 7.78
N TRP A 133 -17.85 6.43 8.04
CA TRP A 133 -16.62 6.53 7.25
C TRP A 133 -15.48 7.14 8.07
N GLY A 134 -14.30 6.55 7.94
CA GLY A 134 -13.15 7.06 8.66
C GLY A 134 -11.82 6.51 8.15
N ARG A 135 -10.75 7.18 8.53
CA ARG A 135 -9.40 6.81 8.15
C ARG A 135 -8.43 7.19 9.28
N ILE A 136 -7.76 6.20 9.85
CA ILE A 136 -6.78 6.45 10.89
C ILE A 136 -5.44 5.93 10.39
N ILE A 137 -4.44 6.81 10.39
CA ILE A 137 -3.10 6.48 9.94
C ILE A 137 -2.13 6.75 11.09
N ASN A 138 -1.37 5.73 11.45
CA ASN A 138 -0.41 5.84 12.55
C ASN A 138 1.02 5.80 12.02
N LEU A 139 1.87 6.70 12.52
CA LEU A 139 3.26 6.73 12.09
C LEU A 139 4.10 5.83 12.99
N THR A 140 4.82 4.89 12.38
CA THR A 140 5.68 3.98 13.13
C THR A 140 7.10 4.20 12.60
N SER A 141 7.95 3.17 12.64
CA SER A 141 9.34 3.34 12.18
C SER A 141 10.00 2.05 11.69
N THR A 142 10.83 2.16 10.66
CA THR A 142 11.52 0.99 10.11
C THR A 142 12.52 0.41 11.11
N THR A 143 12.89 1.22 12.10
CA THR A 143 13.83 0.79 13.13
C THR A 143 13.29 -0.44 13.87
N TYR A 144 11.99 -0.63 13.76
CA TYR A 144 11.29 -1.75 14.38
C TYR A 144 11.89 -3.07 13.89
N TRP A 145 12.33 -3.08 12.63
CA TRP A 145 12.93 -4.26 12.00
C TRP A 145 14.45 -4.19 11.87
N LEU A 146 15.07 -3.15 12.40
CA LEU A 146 16.52 -3.00 12.27
C LEU A 146 17.31 -3.13 13.56
N LYS A 147 18.59 -3.47 13.42
CA LYS A 147 19.47 -3.60 14.58
C LYS A 147 20.12 -2.24 14.82
N ILE A 148 19.71 -1.59 15.91
CA ILE A 148 20.23 -0.28 16.25
C ILE A 148 20.17 -0.08 17.77
N GLU A 149 21.25 0.47 18.32
CA GLU A 149 21.35 0.68 19.76
C GLU A 149 20.68 1.95 20.31
N ALA A 150 20.62 2.02 21.63
CA ALA A 150 20.07 3.16 22.35
C ALA A 150 18.63 3.59 21.99
N TYR A 151 17.80 2.62 21.59
CA TYR A 151 16.42 2.92 21.22
C TYR A 151 15.40 1.97 21.84
N THR A 152 15.73 1.41 23.00
CA THR A 152 14.83 0.48 23.67
C THR A 152 13.47 1.12 23.94
N HIS A 153 13.48 2.35 24.43
CA HIS A 153 12.24 3.07 24.70
C HIS A 153 11.50 3.38 23.40
N TYR A 154 12.22 3.95 22.45
CA TYR A 154 11.64 4.32 21.17
C TYR A 154 11.06 3.14 20.40
N ILE A 155 11.89 2.15 20.09
CA ILE A 155 11.42 1.00 19.33
C ILE A 155 10.24 0.30 20.00
N SER A 156 10.20 0.29 21.33
CA SER A 156 9.09 -0.36 22.00
C SER A 156 7.78 0.37 21.70
N THR A 157 7.81 1.71 21.65
CA THR A 157 6.59 2.47 21.35
C THR A 157 6.20 2.35 19.88
N LYS A 158 7.19 2.31 18.99
CA LYS A 158 6.91 2.20 17.57
C LYS A 158 6.21 0.87 17.26
N ALA A 159 6.55 -0.17 18.03
CA ALA A 159 5.94 -1.49 17.86
C ALA A 159 4.51 -1.48 18.40
N ALA A 160 4.28 -0.75 19.48
CA ALA A 160 2.96 -0.64 20.07
C ALA A 160 2.04 0.05 19.05
N ASN A 161 2.62 1.00 18.32
CA ASN A 161 1.92 1.73 17.28
C ASN A 161 1.36 0.74 16.26
N ILE A 162 2.16 -0.27 15.91
CA ILE A 162 1.74 -1.29 14.96
C ILE A 162 0.66 -2.20 15.56
N GLY A 163 0.84 -2.57 16.82
CA GLY A 163 -0.15 -3.41 17.46
C GLY A 163 -1.47 -2.67 17.55
N PHE A 164 -1.39 -1.38 17.87
CA PHE A 164 -2.57 -0.54 17.97
C PHE A 164 -3.26 -0.44 16.60
N THR A 165 -2.45 -0.28 15.56
CA THR A 165 -2.97 -0.20 14.21
C THR A 165 -3.73 -1.48 13.84
N ARG A 166 -3.12 -2.63 14.13
CA ARG A 166 -3.73 -3.92 13.81
C ARG A 166 -4.97 -4.24 14.63
N ALA A 167 -4.92 -3.98 15.94
CA ALA A 167 -6.04 -4.30 16.81
C ALA A 167 -7.22 -3.36 16.61
N LEU A 168 -6.95 -2.07 16.49
CA LEU A 168 -8.02 -1.11 16.29
C LEU A 168 -8.66 -1.38 14.93
N ALA A 169 -7.87 -1.86 13.97
CA ALA A 169 -8.41 -2.16 12.66
C ALA A 169 -9.53 -3.20 12.81
N SER A 170 -9.29 -4.19 13.66
CA SER A 170 -10.27 -5.24 13.86
C SER A 170 -11.55 -4.74 14.54
N ASP A 171 -11.41 -3.79 15.45
CA ASP A 171 -12.57 -3.23 16.15
C ASP A 171 -13.46 -2.34 15.31
N LEU A 172 -12.89 -1.66 14.33
CA LEU A 172 -13.67 -0.72 13.52
C LEU A 172 -13.93 -1.14 12.08
N GLY A 173 -13.39 -2.28 11.68
CA GLY A 173 -13.57 -2.76 10.31
C GLY A 173 -15.00 -2.74 9.81
N LYS A 174 -15.96 -2.99 10.69
CA LYS A 174 -17.36 -3.03 10.30
C LYS A 174 -18.07 -1.68 10.31
N ASP A 175 -17.33 -0.60 10.57
CA ASP A 175 -17.90 0.75 10.60
C ASP A 175 -17.45 1.61 9.44
N GLY A 176 -16.81 1.00 8.44
CA GLY A 176 -16.34 1.75 7.30
C GLY A 176 -15.11 2.59 7.60
N ILE A 177 -14.36 2.17 8.62
CA ILE A 177 -13.16 2.88 9.03
C ILE A 177 -11.93 2.00 8.83
N THR A 178 -10.87 2.54 8.23
CA THR A 178 -9.66 1.77 8.07
C THR A 178 -8.60 2.32 9.01
N VAL A 179 -7.76 1.41 9.51
CA VAL A 179 -6.68 1.78 10.41
C VAL A 179 -5.39 1.20 9.83
N ASN A 180 -4.49 2.08 9.40
CA ASN A 180 -3.22 1.67 8.83
C ASN A 180 -2.04 2.44 9.38
N ALA A 181 -0.83 1.98 9.06
CA ALA A 181 0.38 2.61 9.53
C ALA A 181 1.44 2.76 8.44
N ILE A 182 2.31 3.74 8.64
CA ILE A 182 3.38 4.03 7.70
C ILE A 182 4.68 4.03 8.49
N ALA A 183 5.69 3.37 7.95
CA ALA A 183 6.98 3.29 8.61
C ALA A 183 8.04 3.89 7.70
N PRO A 184 8.43 5.15 7.96
CA PRO A 184 9.46 5.78 7.13
C PRO A 184 10.84 5.33 7.58
N SER A 185 11.85 5.68 6.80
CA SER A 185 13.24 5.32 7.13
C SER A 185 13.82 6.42 7.98
N LEU A 186 15.07 6.79 7.66
CA LEU A 186 15.75 7.87 8.38
C LEU A 186 15.48 9.11 7.52
N VAL A 187 14.37 9.78 7.80
CA VAL A 187 13.97 10.97 7.05
C VAL A 187 14.75 12.22 7.42
N ARG A 188 14.81 13.18 6.49
CA ARG A 188 15.51 14.43 6.74
C ARG A 188 14.51 15.54 7.05
N THR A 189 14.35 15.83 8.34
CA THR A 189 13.44 16.87 8.81
C THR A 189 14.31 17.98 9.39
N ALA A 190 13.68 19.02 9.92
CA ALA A 190 14.40 20.14 10.50
C ALA A 190 15.03 19.80 11.85
N THR A 191 14.71 18.62 12.38
CA THR A 191 15.26 18.20 13.66
C THR A 191 15.93 16.83 13.59
N THR A 192 15.65 16.09 12.52
CA THR A 192 16.23 14.77 12.36
C THR A 192 17.76 14.87 12.38
N LEU A 208 22.71 0.51 1.83
CA LEU A 208 21.77 -0.26 2.64
C LEU A 208 20.32 -0.15 2.13
N GLN A 209 20.08 0.76 1.18
CA GLN A 209 18.76 0.94 0.59
C GLN A 209 18.85 0.49 -0.87
N ALA A 210 17.77 0.00 -1.43
CA ALA A 210 17.78 -0.41 -2.83
C ALA A 210 17.86 0.87 -3.66
N ILE A 211 17.19 1.92 -3.19
CA ILE A 211 17.20 3.21 -3.88
C ILE A 211 18.16 4.14 -3.13
N PRO A 212 19.35 4.36 -3.70
CA PRO A 212 20.38 5.22 -3.11
C PRO A 212 20.00 6.69 -3.06
N ARG A 213 19.54 7.14 -1.89
CA ARG A 213 19.12 8.51 -1.72
C ARG A 213 18.54 8.68 -0.32
N LEU A 214 18.78 9.83 0.28
CA LEU A 214 18.26 10.13 1.60
C LEU A 214 16.77 10.42 1.44
N GLN A 215 15.99 10.02 2.44
CA GLN A 215 14.55 10.23 2.41
C GLN A 215 14.14 11.63 2.89
N VAL A 216 13.09 12.16 2.28
CA VAL A 216 12.56 13.47 2.64
C VAL A 216 11.06 13.32 2.90
N PRO A 217 10.49 14.18 3.75
CA PRO A 217 9.07 14.16 4.10
C PRO A 217 8.13 13.92 2.93
N LEU A 218 8.40 14.55 1.80
CA LEU A 218 7.56 14.37 0.62
C LEU A 218 7.39 12.92 0.19
N ASP A 219 8.40 12.08 0.45
CA ASP A 219 8.33 10.67 0.07
C ASP A 219 7.17 9.93 0.76
N LEU A 220 6.80 10.37 1.95
CA LEU A 220 5.72 9.74 2.70
C LEU A 220 4.32 10.19 2.29
N THR A 221 4.20 11.42 1.79
CA THR A 221 2.90 11.99 1.42
C THR A 221 2.06 11.20 0.43
N GLY A 222 2.71 10.55 -0.53
CA GLY A 222 1.98 9.77 -1.52
C GLY A 222 1.24 8.60 -0.88
N ALA A 223 1.92 7.89 0.02
CA ALA A 223 1.31 6.75 0.71
C ALA A 223 0.19 7.20 1.64
N ALA A 224 0.38 8.32 2.32
CA ALA A 224 -0.62 8.83 3.24
C ALA A 224 -1.93 9.18 2.51
N ALA A 225 -1.81 9.92 1.41
CA ALA A 225 -2.96 10.33 0.62
C ALA A 225 -3.67 9.11 0.04
N PHE A 226 -2.90 8.12 -0.38
CA PHE A 226 -3.47 6.89 -0.94
C PHE A 226 -4.31 6.21 0.14
N LEU A 227 -3.70 5.94 1.29
CA LEU A 227 -4.40 5.28 2.38
C LEU A 227 -5.68 6.01 2.83
N ALA A 228 -5.66 7.33 2.81
CA ALA A 228 -6.82 8.10 3.23
C ALA A 228 -7.94 8.20 2.17
N SER A 229 -7.68 7.67 0.98
CA SER A 229 -8.66 7.73 -0.10
C SER A 229 -9.52 6.48 -0.28
N ASP A 230 -10.44 6.54 -1.23
CA ASP A 230 -11.33 5.42 -1.53
C ASP A 230 -10.57 4.25 -2.15
N ASP A 231 -9.41 4.55 -2.75
CA ASP A 231 -8.60 3.52 -3.39
C ASP A 231 -8.03 2.50 -2.40
N ALA A 232 -8.18 2.77 -1.12
CA ALA A 232 -7.68 1.88 -0.08
C ALA A 232 -8.74 1.51 0.96
N SER A 233 -10.01 1.62 0.59
CA SER A 233 -11.09 1.31 1.53
C SER A 233 -11.10 -0.16 1.95
N PHE A 234 -10.43 -1.01 1.19
CA PHE A 234 -10.38 -2.43 1.53
C PHE A 234 -9.03 -2.81 2.17
N ILE A 235 -8.23 -1.80 2.48
CA ILE A 235 -6.93 -2.00 3.10
C ILE A 235 -6.96 -1.51 4.55
N THR A 236 -6.82 -2.43 5.50
CA THR A 236 -6.83 -2.06 6.91
C THR A 236 -5.94 -3.01 7.74
N GLY A 237 -5.39 -2.49 8.84
CA GLY A 237 -4.52 -3.27 9.70
C GLY A 237 -3.13 -3.48 9.15
N GLN A 238 -2.79 -2.78 8.07
CA GLN A 238 -1.48 -2.92 7.44
C GLN A 238 -0.46 -1.86 7.83
N THR A 239 0.81 -2.20 7.60
CA THR A 239 1.94 -1.32 7.88
C THR A 239 2.73 -1.22 6.57
N LEU A 240 2.78 -0.01 6.01
CA LEU A 240 3.49 0.22 4.76
C LEU A 240 4.87 0.85 4.98
N ALA A 241 5.91 0.13 4.58
CA ALA A 241 7.27 0.63 4.73
C ALA A 241 7.63 1.48 3.52
N VAL A 242 7.92 2.75 3.77
CA VAL A 242 8.31 3.68 2.72
C VAL A 242 9.73 4.09 3.10
N ASP A 243 10.71 3.30 2.68
CA ASP A 243 12.09 3.58 3.05
C ASP A 243 13.12 3.40 1.95
N GLY A 244 12.67 3.32 0.70
CA GLY A 244 13.62 3.15 -0.40
C GLY A 244 14.14 1.73 -0.55
N GLY A 245 13.35 0.76 -0.10
CA GLY A 245 13.72 -0.64 -0.22
C GLY A 245 14.77 -1.21 0.72
N MET A 246 14.84 -0.73 1.95
CA MET A 246 15.82 -1.26 2.90
C MET A 246 15.20 -2.44 3.65
N VAL A 247 14.11 -2.17 4.34
CA VAL A 247 13.40 -3.16 5.11
C VAL A 247 12.47 -3.98 4.20
N ARG A 248 12.34 -5.26 4.51
CA ARG A 248 11.46 -6.16 3.79
C ARG A 248 10.71 -6.95 4.87
N HIS A 249 9.38 -6.93 4.82
CA HIS A 249 8.58 -7.63 5.82
C HIS A 249 7.30 -8.21 5.22
N GLN B 3 -4.30 12.06 -15.44
CA GLN B 3 -3.74 10.86 -16.15
C GLN B 3 -2.36 10.53 -15.61
N ARG B 4 -2.32 10.02 -14.39
CA ARG B 4 -1.07 9.67 -13.75
C ARG B 4 -0.23 8.71 -14.60
N LEU B 5 -0.88 8.01 -15.53
CA LEU B 5 -0.19 7.07 -16.39
C LEU B 5 -0.31 7.44 -17.86
N LYS B 6 -0.42 8.74 -18.14
CA LYS B 6 -0.53 9.23 -19.50
C LYS B 6 0.77 8.98 -20.25
N ASP B 7 0.66 8.61 -21.53
CA ASP B 7 1.81 8.33 -22.39
C ASP B 7 2.66 7.16 -21.92
N LYS B 8 2.05 6.18 -21.26
CA LYS B 8 2.78 5.02 -20.80
C LYS B 8 2.23 3.71 -21.33
N LEU B 9 3.10 2.72 -21.47
CA LEU B 9 2.70 1.42 -21.97
C LEU B 9 2.84 0.38 -20.85
N ALA B 10 1.76 -0.34 -20.57
CA ALA B 10 1.76 -1.34 -19.52
C ALA B 10 1.41 -2.73 -20.05
N VAL B 11 2.21 -3.72 -19.63
CA VAL B 11 1.98 -5.11 -20.00
C VAL B 11 1.29 -5.78 -18.82
N ILE B 12 0.23 -6.55 -19.12
CA ILE B 12 -0.50 -7.24 -18.06
C ILE B 12 -0.71 -8.70 -18.44
N THR B 13 0.01 -9.61 -17.78
CA THR B 13 -0.14 -11.03 -18.06
C THR B 13 -1.39 -11.52 -17.32
N GLY B 14 -2.13 -12.45 -17.95
CA GLY B 14 -3.34 -12.96 -17.34
C GLY B 14 -4.40 -11.88 -17.24
N GLY B 15 -4.33 -10.92 -18.16
CA GLY B 15 -5.26 -9.80 -18.15
C GLY B 15 -6.61 -9.95 -18.81
N ALA B 16 -6.96 -11.13 -19.29
CA ALA B 16 -8.26 -11.32 -19.93
C ALA B 16 -9.43 -11.25 -18.95
N ASN B 17 -9.26 -11.84 -17.77
CA ASN B 17 -10.33 -11.85 -16.79
C ASN B 17 -9.88 -11.48 -15.39
N GLY B 18 -10.85 -11.49 -14.47
CA GLY B 18 -10.59 -11.19 -13.07
C GLY B 18 -9.74 -10.00 -12.71
N ILE B 19 -8.80 -10.22 -11.79
CA ILE B 19 -7.91 -9.17 -11.31
C ILE B 19 -7.08 -8.52 -12.41
N GLY B 20 -6.44 -9.34 -13.25
CA GLY B 20 -5.61 -8.81 -14.32
C GLY B 20 -6.38 -7.87 -15.21
N ARG B 21 -7.57 -8.29 -15.61
CA ARG B 21 -8.43 -7.48 -16.46
C ARG B 21 -8.83 -6.19 -15.78
N ALA B 22 -9.23 -6.28 -14.51
CA ALA B 22 -9.63 -5.09 -13.77
C ALA B 22 -8.46 -4.11 -13.70
N ILE B 23 -7.26 -4.63 -13.46
CA ILE B 23 -6.08 -3.76 -13.38
C ILE B 23 -5.78 -3.13 -14.74
N ALA B 24 -5.95 -3.90 -15.81
CA ALA B 24 -5.71 -3.38 -17.16
C ALA B 24 -6.64 -2.21 -17.41
N GLU B 25 -7.92 -2.41 -17.13
CA GLU B 25 -8.92 -1.37 -17.33
C GLU B 25 -8.64 -0.10 -16.53
N ARG B 26 -8.22 -0.25 -15.28
CA ARG B 26 -7.91 0.91 -14.45
C ARG B 26 -6.69 1.67 -15.00
N PHE B 27 -5.69 0.95 -15.47
CA PHE B 27 -4.50 1.61 -16.00
C PHE B 27 -4.84 2.45 -17.22
N ALA B 28 -5.77 1.96 -18.03
CA ALA B 28 -6.19 2.68 -19.22
C ALA B 28 -6.90 3.96 -18.80
N VAL B 29 -7.79 3.85 -17.82
CA VAL B 29 -8.52 5.01 -17.32
C VAL B 29 -7.56 6.10 -16.89
N GLU B 30 -6.39 5.69 -16.41
CA GLU B 30 -5.37 6.62 -15.93
C GLU B 30 -4.48 7.11 -17.07
N GLY B 31 -4.88 6.82 -18.30
CA GLY B 31 -4.14 7.27 -19.46
C GLY B 31 -3.07 6.37 -20.04
N ALA B 32 -3.14 5.06 -19.78
CA ALA B 32 -2.13 4.14 -20.29
C ALA B 32 -2.63 3.19 -21.37
N ASP B 33 -1.76 2.87 -22.31
CA ASP B 33 -2.07 1.91 -23.37
C ASP B 33 -1.80 0.52 -22.79
N ILE B 34 -2.45 -0.50 -23.35
CA ILE B 34 -2.32 -1.85 -22.81
C ILE B 34 -1.90 -2.96 -23.75
N ALA B 35 -1.06 -3.85 -23.25
CA ALA B 35 -0.58 -5.02 -23.98
C ALA B 35 -0.85 -6.21 -23.06
N ILE B 36 -1.86 -7.00 -23.41
CA ILE B 36 -2.26 -8.14 -22.63
C ILE B 36 -1.69 -9.43 -23.18
N ALA B 37 -1.13 -10.25 -22.30
CA ALA B 37 -0.59 -11.55 -22.67
C ALA B 37 -1.45 -12.56 -21.92
N ASP B 38 -2.02 -13.53 -22.64
CA ASP B 38 -2.89 -14.50 -22.00
C ASP B 38 -3.15 -15.74 -22.87
N LEU B 39 -3.51 -16.85 -22.23
CA LEU B 39 -3.80 -18.07 -22.97
C LEU B 39 -5.12 -17.99 -23.71
N VAL B 40 -6.09 -17.26 -23.14
CA VAL B 40 -7.40 -17.11 -23.75
C VAL B 40 -7.60 -15.72 -24.32
N PRO B 41 -8.59 -15.56 -25.21
CA PRO B 41 -8.90 -14.27 -25.82
C PRO B 41 -9.47 -13.27 -24.81
N ALA B 42 -9.15 -12.00 -25.01
CA ALA B 42 -9.60 -10.94 -24.12
C ALA B 42 -10.51 -9.94 -24.82
N PRO B 43 -11.57 -10.41 -25.48
CA PRO B 43 -12.49 -9.53 -26.19
C PRO B 43 -13.17 -8.47 -25.31
N GLU B 44 -13.57 -8.86 -24.10
CA GLU B 44 -14.24 -7.92 -23.20
C GLU B 44 -13.27 -6.87 -22.67
N ALA B 45 -12.03 -7.27 -22.45
CA ALA B 45 -11.02 -6.35 -21.95
C ALA B 45 -10.67 -5.30 -23.00
N GLU B 46 -10.43 -5.76 -24.23
CA GLU B 46 -10.08 -4.85 -25.33
C GLU B 46 -11.14 -3.79 -25.52
N ALA B 47 -12.36 -4.22 -25.76
CA ALA B 47 -13.46 -3.30 -25.98
C ALA B 47 -13.48 -2.21 -24.90
N ALA B 48 -13.51 -2.64 -23.63
CA ALA B 48 -13.54 -1.69 -22.53
C ALA B 48 -12.42 -0.68 -22.65
N ILE B 49 -11.22 -1.17 -22.95
CA ILE B 49 -10.06 -0.31 -23.09
C ILE B 49 -10.17 0.63 -24.29
N ARG B 50 -10.61 0.10 -25.43
CA ARG B 50 -10.74 0.94 -26.62
C ARG B 50 -11.83 1.97 -26.33
N ASN B 51 -12.88 1.52 -25.64
CA ASN B 51 -14.00 2.40 -25.30
C ASN B 51 -13.61 3.44 -24.24
N LEU B 52 -12.35 3.45 -23.86
CA LEU B 52 -11.85 4.41 -22.88
C LEU B 52 -10.89 5.36 -23.60
N GLY B 53 -10.80 5.22 -24.91
CA GLY B 53 -9.94 6.08 -25.70
C GLY B 53 -8.46 5.73 -25.72
N ARG B 54 -8.12 4.51 -25.33
CA ARG B 54 -6.74 4.08 -25.31
C ARG B 54 -6.52 2.91 -26.27
N ARG B 55 -5.27 2.62 -26.59
CA ARG B 55 -4.94 1.53 -27.50
C ARG B 55 -4.65 0.25 -26.74
N VAL B 56 -5.02 -0.88 -27.33
CA VAL B 56 -4.80 -2.17 -26.69
C VAL B 56 -4.31 -3.25 -27.64
N LEU B 57 -3.51 -4.16 -27.10
CA LEU B 57 -2.96 -5.27 -27.87
C LEU B 57 -3.12 -6.53 -27.03
N THR B 58 -3.78 -7.53 -27.59
CA THR B 58 -3.98 -8.79 -26.90
C THR B 58 -3.30 -9.90 -27.68
N VAL B 59 -2.51 -10.70 -26.98
CA VAL B 59 -1.78 -11.79 -27.60
C VAL B 59 -2.00 -13.13 -26.90
N LYS B 60 -2.26 -14.17 -27.68
CA LYS B 60 -2.44 -15.52 -27.15
C LYS B 60 -1.03 -16.00 -26.86
N CYS B 61 -0.64 -15.95 -25.59
CA CYS B 61 0.72 -16.33 -25.22
C CYS B 61 0.80 -17.14 -23.93
N ASP B 62 1.70 -18.13 -23.91
CA ASP B 62 1.91 -18.95 -22.73
C ASP B 62 3.12 -18.34 -22.04
N VAL B 63 2.87 -17.46 -21.08
CA VAL B 63 3.93 -16.76 -20.35
C VAL B 63 5.01 -17.65 -19.73
N SER B 64 4.76 -18.95 -19.67
CA SER B 64 5.74 -19.88 -19.10
C SER B 64 6.78 -20.31 -20.13
N GLN B 65 6.49 -20.06 -21.40
CA GLN B 65 7.41 -20.46 -22.47
C GLN B 65 8.29 -19.33 -22.99
N PRO B 66 9.61 -19.49 -22.84
CA PRO B 66 10.63 -18.53 -23.27
C PRO B 66 10.37 -18.02 -24.70
N GLY B 67 10.07 -18.94 -25.60
CA GLY B 67 9.81 -18.57 -26.99
C GLY B 67 8.63 -17.62 -27.12
N ASP B 68 7.51 -17.97 -26.51
CA ASP B 68 6.33 -17.12 -26.56
C ASP B 68 6.57 -15.74 -25.99
N VAL B 69 7.17 -15.67 -24.80
CA VAL B 69 7.44 -14.38 -24.18
C VAL B 69 8.32 -13.52 -25.08
N GLU B 70 9.32 -14.13 -25.70
CA GLU B 70 10.21 -13.40 -26.59
C GLU B 70 9.43 -12.84 -27.79
N ALA B 71 8.60 -13.67 -28.40
CA ALA B 71 7.80 -13.22 -29.54
C ALA B 71 6.89 -12.09 -29.06
N PHE B 72 6.28 -12.28 -27.90
CA PHE B 72 5.40 -11.27 -27.32
C PHE B 72 6.15 -9.97 -27.10
N GLY B 73 7.38 -10.07 -26.62
CA GLY B 73 8.19 -8.87 -26.38
C GLY B 73 8.39 -8.05 -27.63
N LYS B 74 8.70 -8.72 -28.74
CA LYS B 74 8.92 -8.06 -30.02
C LYS B 74 7.64 -7.42 -30.56
N GLN B 75 6.53 -8.14 -30.47
CA GLN B 75 5.27 -7.61 -30.96
C GLN B 75 4.89 -6.34 -30.21
N VAL B 76 5.22 -6.29 -28.93
CA VAL B 76 4.90 -5.12 -28.12
C VAL B 76 5.76 -3.91 -28.52
N ILE B 77 7.05 -4.16 -28.73
CA ILE B 77 7.97 -3.09 -29.10
C ILE B 77 7.68 -2.46 -30.46
N SER B 78 7.34 -3.28 -31.46
CA SER B 78 7.07 -2.72 -32.78
C SER B 78 5.65 -2.17 -32.91
N THR B 79 4.87 -2.28 -31.84
CA THR B 79 3.49 -1.78 -31.86
C THR B 79 3.36 -0.52 -31.00
N PHE B 80 3.93 -0.55 -29.81
CA PHE B 80 3.85 0.58 -28.89
C PHE B 80 5.20 1.24 -28.67
N GLY B 81 6.27 0.48 -28.86
CA GLY B 81 7.59 1.03 -28.69
C GLY B 81 8.35 0.48 -27.49
N ARG B 82 7.90 0.80 -26.28
CA ARG B 82 8.57 0.32 -25.07
C ARG B 82 7.62 0.18 -23.88
N CYS B 83 7.88 -0.80 -23.05
CA CYS B 83 7.06 -1.06 -21.87
C CYS B 83 7.56 -0.34 -20.63
N ASP B 84 6.67 0.41 -19.98
CA ASP B 84 7.01 1.17 -18.78
C ASP B 84 6.54 0.46 -17.50
N ILE B 85 5.42 -0.25 -17.61
CA ILE B 85 4.84 -0.94 -16.46
C ILE B 85 4.55 -2.41 -16.75
N LEU B 86 5.10 -3.29 -15.92
CA LEU B 86 4.89 -4.72 -16.06
C LEU B 86 4.12 -5.28 -14.88
N VAL B 87 2.98 -5.91 -15.16
CA VAL B 87 2.16 -6.52 -14.12
C VAL B 87 2.16 -8.02 -14.34
N ASN B 88 2.83 -8.75 -13.45
CA ASN B 88 2.90 -10.20 -13.54
C ASN B 88 1.72 -10.74 -12.73
N ASN B 89 0.64 -11.03 -13.43
CA ASN B 89 -0.58 -11.49 -12.81
C ASN B 89 -0.98 -12.93 -13.16
N ALA B 90 -0.37 -13.49 -14.19
CA ALA B 90 -0.71 -14.86 -14.60
C ALA B 90 -0.33 -15.86 -13.52
N GLY B 91 -1.20 -16.84 -13.28
CA GLY B 91 -0.93 -17.86 -12.28
C GLY B 91 -2.11 -18.79 -12.06
N ILE B 92 -1.83 -20.05 -11.75
CA ILE B 92 -2.87 -21.05 -11.50
C ILE B 92 -2.80 -21.50 -10.04
N TYR B 93 -3.87 -22.10 -9.55
CA TYR B 93 -3.91 -22.56 -8.17
C TYR B 93 -4.85 -23.74 -7.96
N PRO B 94 -4.60 -24.85 -8.64
CA PRO B 94 -5.47 -26.02 -8.46
C PRO B 94 -5.20 -26.62 -7.08
N LEU B 95 -6.21 -27.27 -6.51
CA LEU B 95 -6.10 -27.88 -5.19
C LEU B 95 -5.50 -29.28 -5.34
N ILE B 96 -4.40 -29.56 -4.65
CA ILE B 96 -3.78 -30.87 -4.76
C ILE B 96 -3.13 -31.36 -3.47
N PRO B 97 -3.55 -32.53 -2.98
CA PRO B 97 -3.01 -33.12 -1.75
C PRO B 97 -1.55 -33.47 -1.96
N PHE B 98 -0.71 -33.22 -0.96
CA PHE B 98 0.70 -33.53 -1.12
C PHE B 98 0.96 -34.98 -1.55
N ASP B 99 0.21 -35.92 -0.99
CA ASP B 99 0.41 -37.32 -1.33
C ASP B 99 0.07 -37.63 -2.78
N GLU B 100 -0.69 -36.72 -3.41
CA GLU B 100 -1.06 -36.90 -4.82
C GLU B 100 -0.18 -36.04 -5.72
N LEU B 101 0.29 -34.93 -5.18
CA LEU B 101 1.12 -34.01 -5.93
C LEU B 101 2.34 -34.70 -6.55
N THR B 102 2.39 -34.73 -7.88
CA THR B 102 3.49 -35.36 -8.60
C THR B 102 4.51 -34.30 -8.98
N PHE B 103 5.74 -34.73 -9.24
CA PHE B 103 6.80 -33.82 -9.61
C PHE B 103 6.39 -33.00 -10.84
N GLU B 104 5.66 -33.65 -11.75
CA GLU B 104 5.21 -32.97 -12.97
C GLU B 104 4.26 -31.79 -12.71
N GLN B 105 3.33 -31.97 -11.78
CA GLN B 105 2.38 -30.90 -11.46
C GLN B 105 3.13 -29.79 -10.72
N TRP B 106 4.00 -30.21 -9.81
CA TRP B 106 4.82 -29.32 -9.00
C TRP B 106 5.58 -28.39 -9.91
N LYS B 107 6.31 -28.99 -10.85
CA LYS B 107 7.13 -28.28 -11.81
C LYS B 107 6.31 -27.35 -12.72
N LYS B 108 5.17 -27.85 -13.19
CA LYS B 108 4.33 -27.05 -14.07
C LYS B 108 3.76 -25.84 -13.34
N THR B 109 3.51 -25.97 -12.05
CA THR B 109 2.98 -24.84 -11.29
C THR B 109 4.06 -23.74 -11.19
N PHE B 110 5.32 -24.14 -11.12
CA PHE B 110 6.42 -23.16 -11.07
C PHE B 110 6.65 -22.47 -12.41
N GLU B 111 6.46 -23.21 -13.51
CA GLU B 111 6.66 -22.64 -14.84
C GLU B 111 5.68 -21.52 -15.12
N ILE B 112 4.43 -21.73 -14.73
CA ILE B 112 3.37 -20.75 -14.94
C ILE B 112 3.38 -19.61 -13.90
N ASN B 113 3.57 -19.96 -12.64
CA ASN B 113 3.56 -18.97 -11.56
C ASN B 113 4.84 -18.21 -11.27
N VAL B 114 5.98 -18.78 -11.60
CA VAL B 114 7.27 -18.13 -11.30
C VAL B 114 8.16 -17.79 -12.49
N ASP B 115 8.32 -18.74 -13.41
CA ASP B 115 9.15 -18.52 -14.59
C ASP B 115 8.60 -17.41 -15.45
N SER B 116 7.28 -17.29 -15.48
CA SER B 116 6.62 -16.27 -16.27
C SER B 116 7.12 -14.88 -15.86
N GLY B 117 7.16 -14.62 -14.56
CA GLY B 117 7.62 -13.33 -14.08
C GLY B 117 9.05 -13.01 -14.45
N PHE B 118 9.91 -14.02 -14.33
CA PHE B 118 11.32 -13.88 -14.66
C PHE B 118 11.46 -13.59 -16.16
N LEU B 119 10.91 -14.48 -16.98
CA LEU B 119 10.97 -14.32 -18.44
C LEU B 119 10.47 -12.95 -18.89
N MET B 120 9.37 -12.53 -18.27
CA MET B 120 8.74 -11.25 -18.60
C MET B 120 9.63 -10.08 -18.19
N ALA B 121 10.32 -10.21 -17.05
CA ALA B 121 11.20 -9.15 -16.59
C ALA B 121 12.43 -9.06 -17.50
N LYS B 122 12.94 -10.21 -17.92
CA LYS B 122 14.11 -10.23 -18.79
C LYS B 122 13.82 -9.47 -20.07
N ALA B 123 12.63 -9.67 -20.62
CA ALA B 123 12.24 -9.03 -21.86
C ALA B 123 11.94 -7.53 -21.77
N PHE B 124 11.47 -7.06 -20.62
CA PHE B 124 11.13 -5.64 -20.52
C PHE B 124 11.97 -4.75 -19.64
N VAL B 125 12.78 -5.32 -18.75
CA VAL B 125 13.61 -4.48 -17.89
C VAL B 125 14.64 -3.65 -18.67
N PRO B 126 15.26 -4.22 -19.71
CA PRO B 126 16.26 -3.48 -20.50
C PRO B 126 15.75 -2.13 -21.01
N GLY B 127 14.52 -2.12 -21.53
CA GLY B 127 13.94 -0.88 -22.02
C GLY B 127 13.64 0.08 -20.88
N MET B 128 13.18 -0.45 -19.75
CA MET B 128 12.87 0.36 -18.57
C MET B 128 14.16 1.00 -18.04
N LYS B 129 15.23 0.24 -18.09
CA LYS B 129 16.53 0.68 -17.61
C LYS B 129 17.14 1.75 -18.50
N ARG B 130 17.11 1.52 -19.82
CA ARG B 130 17.68 2.49 -20.75
C ARG B 130 16.96 3.83 -20.67
N ASN B 131 15.71 3.81 -20.23
CA ASN B 131 14.93 5.03 -20.13
C ASN B 131 14.87 5.57 -18.70
N GLY B 132 15.53 4.89 -17.77
CA GLY B 132 15.55 5.32 -16.38
C GLY B 132 14.24 5.36 -15.63
N TRP B 133 13.27 4.52 -16.01
CA TRP B 133 11.99 4.51 -15.31
C TRP B 133 11.16 3.25 -15.60
N GLY B 134 10.57 2.69 -14.55
CA GLY B 134 9.75 1.50 -14.74
C GLY B 134 9.02 1.03 -13.51
N ARG B 135 8.05 0.15 -13.71
CA ARG B 135 7.29 -0.41 -12.62
C ARG B 135 7.03 -1.89 -12.88
N ILE B 136 7.30 -2.70 -11.85
CA ILE B 136 7.07 -4.14 -11.94
C ILE B 136 6.22 -4.49 -10.73
N ILE B 137 5.03 -4.98 -10.99
CA ILE B 137 4.10 -5.37 -9.93
C ILE B 137 3.80 -6.85 -10.00
N ASN B 138 4.10 -7.56 -8.92
CA ASN B 138 3.85 -9.00 -8.87
C ASN B 138 2.66 -9.37 -8.00
N LEU B 139 1.82 -10.27 -8.52
CA LEU B 139 0.66 -10.72 -7.77
C LEU B 139 1.03 -11.97 -6.99
N THR B 140 0.82 -11.92 -5.67
CA THR B 140 1.10 -13.06 -4.81
C THR B 140 -0.18 -13.39 -4.07
N SER B 141 -0.09 -14.10 -2.94
CA SER B 141 -1.31 -14.49 -2.24
C SER B 141 -1.20 -14.44 -0.73
N THR B 142 -2.30 -14.11 -0.07
CA THR B 142 -2.31 -14.04 1.39
C THR B 142 -2.22 -15.44 1.98
N THR B 143 -2.41 -16.47 1.15
CA THR B 143 -2.31 -17.85 1.63
C THR B 143 -0.90 -18.09 2.17
N TYR B 144 0.03 -17.21 1.76
CA TYR B 144 1.41 -17.30 2.19
C TYR B 144 1.51 -17.25 3.72
N TRP B 145 0.63 -16.48 4.36
CA TRP B 145 0.62 -16.38 5.82
C TRP B 145 -0.53 -17.15 6.48
N LEU B 146 -1.21 -18.02 5.73
CA LEU B 146 -2.35 -18.76 6.29
C LEU B 146 -2.21 -20.27 6.26
N LYS B 147 -2.91 -20.91 7.19
CA LYS B 147 -2.90 -22.35 7.28
C LYS B 147 -4.00 -22.86 6.34
N ILE B 148 -3.58 -23.54 5.28
CA ILE B 148 -4.51 -24.10 4.32
C ILE B 148 -3.81 -25.28 3.64
N GLU B 149 -4.52 -26.40 3.56
CA GLU B 149 -3.98 -27.62 2.97
C GLU B 149 -4.10 -27.72 1.46
N ALA B 150 -3.43 -28.73 0.91
CA ALA B 150 -3.45 -29.03 -0.52
C ALA B 150 -2.94 -27.92 -1.42
N TYR B 151 -1.97 -27.15 -0.93
CA TYR B 151 -1.42 -26.03 -1.71
C TYR B 151 0.09 -25.85 -1.54
N THR B 152 0.81 -26.91 -1.21
CA THR B 152 2.25 -26.80 -1.02
C THR B 152 2.94 -26.29 -2.30
N HIS B 153 2.39 -26.64 -3.46
CA HIS B 153 2.95 -26.20 -4.73
C HIS B 153 2.60 -24.74 -5.00
N TYR B 154 1.34 -24.39 -4.75
CA TYR B 154 0.87 -23.04 -4.98
C TYR B 154 1.57 -22.05 -4.07
N ILE B 155 1.48 -22.32 -2.78
CA ILE B 155 2.09 -21.45 -1.79
C ILE B 155 3.61 -21.30 -1.92
N SER B 156 4.29 -22.35 -2.41
CA SER B 156 5.73 -22.26 -2.59
C SER B 156 6.03 -21.29 -3.73
N THR B 157 5.16 -21.25 -4.73
CA THR B 157 5.39 -20.34 -5.84
C THR B 157 5.03 -18.90 -5.43
N LYS B 158 4.00 -18.77 -4.60
CA LYS B 158 3.58 -17.46 -4.16
C LYS B 158 4.67 -16.83 -3.29
N ALA B 159 5.35 -17.67 -2.51
CA ALA B 159 6.44 -17.21 -1.67
C ALA B 159 7.60 -16.82 -2.58
N ALA B 160 7.81 -17.60 -3.65
CA ALA B 160 8.87 -17.30 -4.61
C ALA B 160 8.58 -15.94 -5.23
N ASN B 161 7.31 -15.68 -5.52
CA ASN B 161 6.92 -14.41 -6.11
C ASN B 161 7.43 -13.27 -5.23
N ILE B 162 7.26 -13.43 -3.93
CA ILE B 162 7.70 -12.41 -2.98
C ILE B 162 9.22 -12.31 -2.97
N GLY B 163 9.90 -13.45 -2.97
CA GLY B 163 11.35 -13.45 -2.98
C GLY B 163 11.85 -12.76 -4.23
N PHE B 164 11.16 -13.03 -5.35
CA PHE B 164 11.52 -12.43 -6.63
C PHE B 164 11.33 -10.92 -6.55
N THR B 165 10.23 -10.50 -5.93
CA THR B 165 9.93 -9.09 -5.76
C THR B 165 11.06 -8.39 -5.00
N ARG B 166 11.40 -8.92 -3.82
CA ARG B 166 12.46 -8.35 -2.98
C ARG B 166 13.85 -8.26 -3.60
N ALA B 167 14.27 -9.33 -4.28
CA ALA B 167 15.60 -9.38 -4.90
C ALA B 167 15.75 -8.49 -6.11
N LEU B 168 14.75 -8.52 -6.99
CA LEU B 168 14.80 -7.70 -8.19
C LEU B 168 14.75 -6.21 -7.79
N ALA B 169 14.05 -5.90 -6.71
CA ALA B 169 13.99 -4.52 -6.24
C ALA B 169 15.41 -4.05 -5.94
N SER B 170 16.18 -4.89 -5.28
CA SER B 170 17.56 -4.54 -4.95
C SER B 170 18.41 -4.37 -6.20
N ASP B 171 18.20 -5.26 -7.19
CA ASP B 171 18.97 -5.19 -8.43
C ASP B 171 18.63 -3.99 -9.31
N LEU B 172 17.39 -3.54 -9.24
CA LEU B 172 16.96 -2.41 -10.08
C LEU B 172 16.80 -1.09 -9.34
N GLY B 173 17.14 -1.06 -8.06
CA GLY B 173 17.01 0.14 -7.26
C GLY B 173 17.61 1.43 -7.81
N LYS B 174 18.82 1.32 -8.36
CA LYS B 174 19.51 2.47 -8.90
C LYS B 174 19.10 2.81 -10.33
N ASP B 175 18.11 2.10 -10.87
CA ASP B 175 17.69 2.33 -12.24
C ASP B 175 16.34 3.02 -12.44
N GLY B 176 15.83 3.67 -11.40
CA GLY B 176 14.56 4.35 -11.51
C GLY B 176 13.40 3.39 -11.66
N ILE B 177 13.62 2.13 -11.28
CA ILE B 177 12.60 1.10 -11.38
C ILE B 177 12.28 0.56 -10.00
N THR B 178 10.99 0.42 -9.68
CA THR B 178 10.61 -0.15 -8.38
C THR B 178 9.94 -1.48 -8.63
N VAL B 179 10.11 -2.40 -7.69
CA VAL B 179 9.51 -3.73 -7.79
C VAL B 179 8.73 -4.00 -6.51
N ASN B 180 7.43 -4.24 -6.66
CA ASN B 180 6.56 -4.49 -5.51
C ASN B 180 5.56 -5.62 -5.78
N ALA B 181 4.86 -6.05 -4.73
CA ALA B 181 3.87 -7.12 -4.87
C ALA B 181 2.58 -6.79 -4.15
N ILE B 182 1.49 -7.33 -4.68
CA ILE B 182 0.17 -7.15 -4.09
C ILE B 182 -0.35 -8.54 -3.67
N ALA B 183 -0.86 -8.66 -2.45
CA ALA B 183 -1.38 -9.93 -1.95
C ALA B 183 -2.89 -9.82 -1.70
N PRO B 184 -3.70 -10.36 -2.62
CA PRO B 184 -5.14 -10.26 -2.36
C PRO B 184 -5.69 -11.39 -1.49
N SER B 185 -6.87 -11.16 -0.93
CA SER B 185 -7.54 -12.16 -0.09
C SER B 185 -8.20 -13.10 -1.08
N LEU B 186 -9.33 -13.67 -0.69
CA LEU B 186 -10.07 -14.56 -1.59
C LEU B 186 -10.93 -13.60 -2.40
N VAL B 187 -10.59 -13.44 -3.68
CA VAL B 187 -11.32 -12.54 -4.57
C VAL B 187 -12.37 -13.22 -5.43
N ARG B 188 -13.48 -12.54 -5.66
CA ARG B 188 -14.56 -13.07 -6.48
C ARG B 188 -14.31 -12.92 -7.97
N THR B 189 -14.07 -14.04 -8.64
CA THR B 189 -13.82 -14.05 -10.07
C THR B 189 -14.43 -15.30 -10.68
N ALA B 190 -14.57 -15.31 -12.01
CA ALA B 190 -15.15 -16.44 -12.73
C ALA B 190 -14.52 -17.77 -12.33
N THR B 191 -13.20 -17.80 -12.20
CA THR B 191 -12.50 -19.03 -11.85
C THR B 191 -12.79 -19.47 -10.40
N THR B 192 -12.70 -18.55 -9.46
CA THR B 192 -12.95 -18.88 -8.05
C THR B 192 -14.42 -19.24 -7.85
N GLU B 193 -15.31 -18.54 -8.54
CA GLU B 193 -16.74 -18.80 -8.43
C GLU B 193 -17.05 -20.22 -8.90
N ALA B 194 -16.24 -20.72 -9.82
CA ALA B 194 -16.43 -22.07 -10.34
C ALA B 194 -15.35 -23.00 -9.78
N SER B 195 -14.81 -22.63 -8.63
CA SER B 195 -13.77 -23.42 -7.98
C SER B 195 -14.25 -23.92 -6.62
N ALA B 196 -13.42 -24.73 -5.97
CA ALA B 196 -13.75 -25.28 -4.66
C ALA B 196 -13.68 -24.23 -3.56
N LEU B 197 -13.13 -23.08 -3.89
CA LEU B 197 -12.99 -21.98 -2.94
C LEU B 197 -14.33 -21.27 -2.74
N SER B 198 -15.22 -21.43 -3.72
CA SER B 198 -16.54 -20.81 -3.70
C SER B 198 -17.29 -21.03 -2.38
N ALA B 199 -16.87 -22.04 -1.62
CA ALA B 199 -17.52 -22.36 -0.34
C ALA B 199 -17.21 -21.32 0.74
N MET B 200 -15.99 -20.78 0.71
CA MET B 200 -15.57 -19.78 1.69
C MET B 200 -16.11 -18.39 1.38
N PHE B 201 -16.68 -18.23 0.20
CA PHE B 201 -17.25 -16.95 -0.24
C PHE B 201 -18.10 -16.25 0.83
N ASP B 202 -18.68 -17.05 1.73
CA ASP B 202 -19.53 -16.51 2.78
C ASP B 202 -18.98 -16.72 4.19
N VAL B 203 -17.91 -17.50 4.30
CA VAL B 203 -17.30 -17.78 5.59
C VAL B 203 -16.16 -16.81 5.92
N LEU B 204 -15.03 -17.00 5.24
CA LEU B 204 -13.84 -16.19 5.43
C LEU B 204 -14.10 -14.68 5.57
N PRO B 205 -14.82 -14.08 4.62
CA PRO B 205 -15.11 -12.64 4.68
C PRO B 205 -15.64 -12.12 6.01
N ASN B 206 -16.87 -12.50 6.37
CA ASN B 206 -17.45 -12.02 7.62
C ASN B 206 -17.03 -12.87 8.81
N MET B 207 -15.80 -13.37 8.79
CA MET B 207 -15.31 -14.18 9.89
C MET B 207 -13.84 -13.91 10.18
N LEU B 208 -12.98 -14.10 9.19
CA LEU B 208 -11.55 -13.87 9.39
C LEU B 208 -11.08 -12.52 8.89
N GLN B 209 -11.98 -11.73 8.34
CA GLN B 209 -11.63 -10.39 7.85
C GLN B 209 -12.09 -9.32 8.82
N ALA B 210 -11.42 -8.18 8.80
CA ALA B 210 -11.80 -7.07 9.65
C ALA B 210 -13.02 -6.43 8.98
N ILE B 211 -12.99 -6.41 7.66
CA ILE B 211 -14.07 -5.82 6.86
C ILE B 211 -14.89 -6.99 6.32
N PRO B 212 -16.10 -7.18 6.86
CA PRO B 212 -17.08 -8.23 6.51
C PRO B 212 -17.67 -8.05 5.12
N ARG B 213 -16.86 -8.27 4.10
CA ARG B 213 -17.32 -8.11 2.73
C ARG B 213 -16.43 -8.92 1.81
N LEU B 214 -17.04 -9.66 0.89
CA LEU B 214 -16.27 -10.46 -0.05
C LEU B 214 -15.54 -9.51 -0.98
N GLN B 215 -14.28 -9.79 -1.24
CA GLN B 215 -13.48 -8.95 -2.11
C GLN B 215 -13.80 -9.13 -3.60
N VAL B 216 -13.75 -8.03 -4.34
CA VAL B 216 -13.99 -8.05 -5.77
C VAL B 216 -12.82 -7.32 -6.44
N PRO B 217 -12.52 -7.64 -7.71
CA PRO B 217 -11.43 -7.04 -8.47
C PRO B 217 -11.19 -5.55 -8.25
N LEU B 218 -12.24 -4.74 -8.30
CA LEU B 218 -12.10 -3.31 -8.10
C LEU B 218 -11.48 -2.93 -6.76
N ASP B 219 -11.42 -3.85 -5.80
CA ASP B 219 -10.81 -3.52 -4.52
C ASP B 219 -9.28 -3.44 -4.63
N LEU B 220 -8.72 -4.12 -5.63
CA LEU B 220 -7.27 -4.14 -5.84
C LEU B 220 -6.72 -3.05 -6.75
N THR B 221 -7.54 -2.59 -7.69
CA THR B 221 -7.08 -1.61 -8.67
C THR B 221 -6.49 -0.33 -8.08
N GLY B 222 -7.01 0.11 -6.94
CA GLY B 222 -6.49 1.32 -6.33
C GLY B 222 -5.03 1.17 -5.95
N ALA B 223 -4.69 0.05 -5.31
CA ALA B 223 -3.33 -0.22 -4.87
C ALA B 223 -2.38 -0.34 -6.05
N ALA B 224 -2.83 -0.94 -7.14
CA ALA B 224 -1.99 -1.11 -8.31
C ALA B 224 -1.68 0.24 -8.96
N ALA B 225 -2.72 1.05 -9.13
CA ALA B 225 -2.53 2.38 -9.73
C ALA B 225 -1.53 3.20 -8.91
N PHE B 226 -1.63 3.07 -7.59
CA PHE B 226 -0.75 3.78 -6.66
C PHE B 226 0.70 3.37 -6.84
N LEU B 227 0.96 2.07 -6.77
CA LEU B 227 2.32 1.58 -6.93
C LEU B 227 2.91 1.92 -8.30
N ALA B 228 2.08 1.96 -9.33
CA ALA B 228 2.56 2.26 -10.66
C ALA B 228 2.84 3.75 -10.90
N SER B 229 2.53 4.58 -9.92
CA SER B 229 2.71 6.02 -10.05
C SER B 229 3.88 6.63 -9.29
N ASP B 230 4.06 7.94 -9.45
CA ASP B 230 5.13 8.69 -8.81
C ASP B 230 4.96 8.79 -7.30
N ASP B 231 3.73 8.68 -6.80
CA ASP B 231 3.51 8.74 -5.36
C ASP B 231 4.18 7.56 -4.65
N ALA B 232 4.58 6.56 -5.42
CA ALA B 232 5.22 5.38 -4.84
C ALA B 232 6.63 5.13 -5.37
N SER B 233 7.29 6.18 -5.87
CA SER B 233 8.64 5.99 -6.40
C SER B 233 9.69 5.63 -5.34
N PHE B 234 9.41 5.89 -4.07
CA PHE B 234 10.37 5.57 -3.00
C PHE B 234 9.95 4.28 -2.26
N ILE B 235 9.01 3.56 -2.83
CA ILE B 235 8.52 2.32 -2.24
C ILE B 235 8.90 1.18 -3.17
N THR B 236 9.79 0.30 -2.71
CA THR B 236 10.18 -0.82 -3.54
C THR B 236 10.54 -2.03 -2.67
N GLY B 237 10.38 -3.22 -3.22
CA GLY B 237 10.66 -4.43 -2.49
C GLY B 237 9.56 -4.81 -1.51
N GLN B 238 8.46 -4.07 -1.52
CA GLN B 238 7.35 -4.33 -0.60
C GLN B 238 6.23 -5.22 -1.11
N THR B 239 5.50 -5.80 -0.15
CA THR B 239 4.36 -6.66 -0.43
C THR B 239 3.17 -6.03 0.27
N LEU B 240 2.19 -5.59 -0.51
CA LEU B 240 1.00 -4.94 0.03
C LEU B 240 -0.20 -5.88 0.04
N ALA B 241 -0.66 -6.23 1.23
CA ALA B 241 -1.81 -7.10 1.36
C ALA B 241 -3.10 -6.28 1.32
N VAL B 242 -3.94 -6.56 0.32
CA VAL B 242 -5.23 -5.89 0.17
C VAL B 242 -6.22 -7.03 0.37
N ASP B 243 -6.60 -7.27 1.62
CA ASP B 243 -7.49 -8.38 1.92
C ASP B 243 -8.54 -8.10 2.99
N GLY B 244 -8.86 -6.83 3.20
CA GLY B 244 -9.86 -6.48 4.19
C GLY B 244 -9.42 -6.68 5.63
N GLY B 245 -8.10 -6.66 5.85
CA GLY B 245 -7.57 -6.80 7.19
C GLY B 245 -7.50 -8.20 7.77
N MET B 246 -7.31 -9.22 6.92
CA MET B 246 -7.20 -10.56 7.44
C MET B 246 -5.80 -10.81 7.99
N VAL B 247 -4.80 -10.74 7.11
CA VAL B 247 -3.42 -10.96 7.56
C VAL B 247 -2.75 -9.67 8.02
N ARG B 248 -1.77 -9.83 8.92
CA ARG B 248 -1.00 -8.72 9.44
C ARG B 248 0.46 -9.15 9.43
N HIS B 249 1.28 -8.43 8.65
CA HIS B 249 2.71 -8.75 8.53
C HIS B 249 3.53 -7.48 8.51
#